data_7R4O
#
_entry.id   7R4O
#
_cell.length_a   97.060
_cell.length_b   97.060
_cell.length_c   80.220
_cell.angle_alpha   90.000
_cell.angle_beta   90.000
_cell.angle_gamma   90.000
#
_symmetry.space_group_name_H-M   'I 4'
#
loop_
_entity.id
_entity.type
_entity.pdbx_description
1 polymer 'Hydroxyacid oxidase 1'
2 non-polymer 2-((4H-1,2,4-triazol-3-yl)thio)-1-(4-(3-chlorophenyl)piperazin-1-yl)ethan-1-one
3 non-polymer 'FLAVIN MONONUCLEOTIDE'
4 water water
#
_entity_poly.entity_id   1
_entity_poly.type   'polypeptide(L)'
_entity_poly.pdbx_seq_one_letter_code
;MLPRLICINDYEQHAKSVLPKSIYDYYRSGANDEETLADNIAAFSRWKLYPRMLRNVAETDLSTSVLGQRVSMPICVGAT
AMQRMAHVDGELATVRACQSLGTGMMLSSWATSSIEEVAEAGPEALRWLQLYIYKDREVTKKLVRQAEKMGYKAIFVTVD
TPYLGNRLDDVRNRFKLPPQLRMKNFETSTLSFSPEENFGDDSGLAAYVAKAIDPSISWEDIKWLRRLTSLPIVAKGILR
GDDAREAVKHGLNGILVSNHGARQLDGVPATIDVLPEIVEAVEGKVEVFLDGGVRKGTDVLKALALGAKAVFVGRPIVWG
LAFQGEKGVQDVLEILKEEFRLAMALSGCQNVKVIDKTLVRK
;
_entity_poly.pdbx_strand_id   A
#
# COMPACT_ATOMS: atom_id res chain seq x y z
N PRO A 3 0.67 -23.99 -12.94
CA PRO A 3 1.01 -22.61 -13.31
C PRO A 3 2.52 -22.26 -13.35
N ARG A 4 2.94 -21.46 -14.34
CA ARG A 4 4.33 -20.95 -14.41
C ARG A 4 4.23 -19.41 -14.33
N LEU A 5 4.25 -18.89 -13.12
CA LEU A 5 4.01 -17.45 -12.92
C LEU A 5 5.35 -16.77 -12.66
N ILE A 6 5.71 -15.84 -13.53
CA ILE A 6 7.08 -15.29 -13.43
C ILE A 6 7.04 -13.76 -13.32
N CYS A 7 5.88 -13.17 -13.31
CA CYS A 7 5.75 -11.71 -13.16
C CYS A 7 4.40 -11.46 -12.50
N ILE A 8 4.17 -10.27 -11.99
CA ILE A 8 2.97 -9.97 -11.22
C ILE A 8 1.73 -10.12 -12.11
N ASN A 9 1.79 -9.73 -13.37
CA ASN A 9 0.57 -9.89 -14.21
C ASN A 9 0.13 -11.36 -14.28
N ASP A 10 1.10 -12.27 -14.28
CA ASP A 10 0.75 -13.71 -14.41
C ASP A 10 -0.07 -14.12 -13.19
N TYR A 11 0.24 -13.55 -12.04
CA TYR A 11 -0.50 -13.87 -10.79
C TYR A 11 -1.94 -13.34 -10.91
N GLU A 12 -2.11 -12.14 -11.46
CA GLU A 12 -3.47 -11.66 -11.64
C GLU A 12 -4.22 -12.60 -12.56
N GLN A 13 -3.59 -13.00 -13.66
CA GLN A 13 -4.30 -13.86 -14.65
C GLN A 13 -4.66 -15.17 -13.96
N HIS A 14 -3.78 -15.71 -13.14
CA HIS A 14 -4.08 -16.96 -12.38
C HIS A 14 -5.24 -16.71 -11.43
N ALA A 15 -5.25 -15.60 -10.72
CA ALA A 15 -6.32 -15.30 -9.75
C ALA A 15 -7.67 -15.22 -10.46
N LYS A 16 -7.75 -14.58 -11.61
CA LYS A 16 -9.02 -14.47 -12.37
C LYS A 16 -9.50 -15.89 -12.72
N SER A 17 -8.56 -16.80 -12.91
CA SER A 17 -8.90 -18.18 -13.37
C SER A 17 -9.48 -18.98 -12.19
N VAL A 18 -9.08 -18.71 -10.95
CA VAL A 18 -9.45 -19.56 -9.78
C VAL A 18 -10.49 -18.89 -8.88
N LEU A 19 -10.56 -17.56 -8.79
CA LEU A 19 -11.52 -16.90 -7.87
C LEU A 19 -12.92 -16.81 -8.46
N PRO A 20 -13.98 -16.91 -7.61
CA PRO A 20 -15.31 -16.53 -8.10
C PRO A 20 -15.26 -15.09 -8.68
N LYS A 21 -15.99 -14.86 -9.77
CA LYS A 21 -16.14 -13.54 -10.43
C LYS A 21 -16.35 -12.44 -9.39
N SER A 22 -17.32 -12.53 -8.49
CA SER A 22 -17.61 -11.41 -7.55
C SER A 22 -16.38 -11.08 -6.71
N ILE A 23 -15.60 -12.10 -6.32
CA ILE A 23 -14.44 -11.87 -5.43
C ILE A 23 -13.34 -11.25 -6.29
N TYR A 24 -13.06 -11.80 -7.46
CA TYR A 24 -12.03 -11.24 -8.38
C TYR A 24 -12.43 -9.78 -8.64
N ASP A 25 -13.68 -9.53 -9.01
CA ASP A 25 -14.15 -8.16 -9.36
C ASP A 25 -14.00 -7.24 -8.14
N TYR A 26 -14.30 -7.72 -6.94
CA TYR A 26 -14.16 -6.86 -5.75
C TYR A 26 -12.72 -6.35 -5.65
N TYR A 27 -11.75 -7.25 -5.86
CA TYR A 27 -10.33 -6.87 -5.69
C TYR A 27 -9.83 -6.07 -6.90
N ARG A 28 -10.27 -6.42 -8.10
CA ARG A 28 -9.74 -5.77 -9.33
C ARG A 28 -10.36 -4.39 -9.57
N SER A 29 -11.56 -4.20 -9.13
N SER A 29 -11.60 -4.19 -9.14
N SER A 29 -11.56 -4.20 -9.13
CA SER A 29 -12.34 -3.01 -9.54
CA SER A 29 -12.36 -2.98 -9.53
CA SER A 29 -12.34 -3.01 -9.54
C SER A 29 -11.83 -1.65 -9.09
C SER A 29 -11.75 -1.65 -9.12
C SER A 29 -11.83 -1.65 -9.09
N GLY A 30 -12.12 -0.62 -9.89
CA GLY A 30 -11.73 0.74 -9.50
C GLY A 30 -13.10 1.43 -9.48
N ALA A 31 -13.15 2.73 -9.23
CA ALA A 31 -14.40 3.50 -9.15
C ALA A 31 -14.90 3.87 -10.55
N ASN A 32 -16.22 3.81 -10.70
CA ASN A 32 -16.88 4.34 -11.92
C ASN A 32 -16.25 3.77 -13.19
N ASP A 33 -15.85 4.64 -14.12
CA ASP A 33 -15.31 4.15 -15.42
C ASP A 33 -13.87 3.67 -15.32
N GLU A 34 -13.28 3.73 -14.13
CA GLU A 34 -11.93 3.15 -13.94
C GLU A 34 -10.87 3.85 -14.78
N GLU A 35 -11.00 5.16 -14.92
CA GLU A 35 -9.98 5.96 -15.65
C GLU A 35 -8.69 6.01 -14.82
N THR A 36 -8.82 6.29 -13.54
CA THR A 36 -7.62 6.38 -12.71
C THR A 36 -6.99 4.99 -12.60
N LEU A 37 -7.78 3.93 -12.55
CA LEU A 37 -7.24 2.54 -12.42
C LEU A 37 -6.28 2.27 -13.58
N ALA A 38 -6.69 2.67 -14.79
CA ALA A 38 -5.84 2.45 -15.97
C ALA A 38 -4.61 3.36 -15.84
N ASP A 39 -4.80 4.59 -15.41
CA ASP A 39 -3.72 5.60 -15.40
C ASP A 39 -2.67 5.29 -14.31
N ASN A 40 -3.05 4.66 -13.20
CA ASN A 40 -2.05 4.31 -12.18
C ASN A 40 -0.96 3.43 -12.80
N ILE A 41 -1.32 2.60 -13.77
CA ILE A 41 -0.34 1.76 -14.49
C ILE A 41 0.27 2.56 -15.65
N ALA A 42 -0.55 3.17 -16.47
CA ALA A 42 -0.05 3.86 -17.69
C ALA A 42 0.93 4.94 -17.33
N ALA A 43 0.73 5.64 -16.23
CA ALA A 43 1.57 6.77 -15.85
C ALA A 43 3.00 6.32 -15.59
N PHE A 44 3.17 5.13 -15.01
CA PHE A 44 4.54 4.62 -14.80
C PHE A 44 5.23 4.47 -16.14
N SER A 45 4.52 4.06 -17.17
CA SER A 45 5.20 3.81 -18.47
C SER A 45 5.65 5.15 -19.06
N ARG A 46 5.01 6.29 -18.75
CA ARG A 46 5.40 7.57 -19.33
C ARG A 46 6.68 8.10 -18.72
N TRP A 47 6.98 7.70 -17.50
CA TRP A 47 8.25 8.09 -16.86
C TRP A 47 9.38 7.23 -17.41
N LYS A 48 10.33 7.79 -18.11
CA LYS A 48 11.41 7.03 -18.75
C LYS A 48 12.64 7.04 -17.87
N LEU A 49 13.40 5.96 -17.93
CA LEU A 49 14.61 5.77 -17.13
C LEU A 49 15.85 6.11 -17.93
N TYR A 50 16.77 6.76 -17.26
CA TYR A 50 18.06 7.25 -17.84
C TYR A 50 19.20 6.61 -17.07
N PRO A 51 19.53 5.33 -17.34
CA PRO A 51 20.45 4.55 -16.53
C PRO A 51 21.89 4.97 -16.67
N ARG A 52 22.62 5.01 -15.56
CA ARG A 52 24.06 5.19 -15.63
C ARG A 52 24.75 3.85 -15.81
N MET A 53 25.82 3.84 -16.60
CA MET A 53 26.62 2.63 -16.86
C MET A 53 27.89 2.65 -15.99
N LEU A 54 28.47 1.50 -15.85
CA LEU A 54 29.87 1.34 -15.37
C LEU A 54 30.00 1.86 -13.94
N ARG A 55 29.03 1.54 -13.07
CA ARG A 55 29.05 2.11 -11.69
C ARG A 55 29.45 1.07 -10.63
N ASN A 56 29.61 -0.19 -10.99
CA ASN A 56 29.92 -1.29 -10.02
C ASN A 56 28.66 -1.66 -9.23
N VAL A 57 27.94 -2.65 -9.76
CA VAL A 57 26.68 -3.09 -9.14
C VAL A 57 26.76 -4.56 -8.79
N ALA A 58 27.95 -5.05 -8.40
CA ALA A 58 28.15 -6.44 -7.98
C ALA A 58 27.41 -6.65 -6.66
N GLU A 59 27.36 -5.61 -5.86
CA GLU A 59 26.82 -5.67 -4.50
C GLU A 59 25.63 -4.76 -4.68
N THR A 60 24.44 -5.32 -4.74
CA THR A 60 23.22 -4.46 -4.74
CA THR A 60 23.24 -4.47 -4.74
C THR A 60 22.58 -4.64 -3.37
N ASP A 61 22.38 -3.53 -2.67
CA ASP A 61 21.79 -3.55 -1.32
C ASP A 61 20.43 -2.85 -1.45
N LEU A 62 19.36 -3.61 -1.25
CA LEU A 62 17.98 -3.08 -1.40
C LEU A 62 17.45 -2.53 -0.08
N SER A 63 18.17 -2.68 1.02
CA SER A 63 17.61 -2.36 2.35
C SER A 63 17.37 -0.85 2.45
N THR A 64 16.42 -0.51 3.32
CA THR A 64 16.07 0.88 3.61
C THR A 64 15.40 0.88 4.98
N SER A 65 14.81 2.01 5.30
CA SER A 65 14.01 2.10 6.53
C SER A 65 12.71 2.82 6.26
N VAL A 66 11.71 2.45 7.01
CA VAL A 66 10.35 3.08 6.94
C VAL A 66 10.06 3.56 8.35
N LEU A 67 9.94 4.86 8.55
CA LEU A 67 9.59 5.49 9.87
C LEU A 67 10.56 4.97 10.95
N GLY A 68 11.83 4.82 10.57
CA GLY A 68 12.94 4.44 11.48
C GLY A 68 13.14 2.95 11.63
N GLN A 69 12.31 2.09 11.06
CA GLN A 69 12.43 0.64 11.16
C GLN A 69 13.08 0.09 9.89
N ARG A 70 14.10 -0.73 10.02
CA ARG A 70 14.76 -1.34 8.86
C ARG A 70 13.84 -2.32 8.14
N VAL A 71 13.87 -2.26 6.81
CA VAL A 71 13.23 -3.27 5.95
C VAL A 71 14.25 -3.74 4.91
N SER A 72 14.01 -4.91 4.35
CA SER A 72 14.90 -5.58 3.40
C SER A 72 14.81 -4.91 2.03
N MET A 73 13.76 -4.15 1.75
CA MET A 73 13.54 -3.62 0.40
C MET A 73 12.51 -2.51 0.59
N PRO A 74 12.47 -1.52 -0.32
CA PRO A 74 11.52 -0.41 -0.22
C PRO A 74 10.15 -0.76 -0.85
N ILE A 75 9.69 -1.95 -0.52
CA ILE A 75 8.50 -2.61 -1.12
C ILE A 75 7.77 -3.27 0.01
N CYS A 76 6.60 -2.75 0.37
CA CYS A 76 5.88 -3.14 1.59
C CYS A 76 4.45 -3.48 1.20
N VAL A 77 3.78 -4.26 2.03
CA VAL A 77 2.40 -4.72 1.80
C VAL A 77 1.40 -3.68 2.28
N GLY A 78 0.59 -3.18 1.34
CA GLY A 78 -0.48 -2.23 1.69
C GLY A 78 -1.73 -2.92 2.20
N ALA A 79 -2.59 -2.15 2.84
CA ALA A 79 -3.84 -2.64 3.43
C ALA A 79 -4.82 -3.06 2.35
N THR A 80 -5.25 -4.30 2.33
CA THR A 80 -6.32 -4.73 1.42
C THR A 80 -7.30 -5.52 2.28
N ALA A 81 -8.55 -5.15 2.26
CA ALA A 81 -9.59 -5.73 3.12
C ALA A 81 -9.84 -7.18 2.77
N MET A 82 -10.22 -7.91 3.82
CA MET A 82 -10.96 -9.19 3.72
C MET A 82 -10.15 -10.24 2.92
N GLN A 83 -8.89 -10.38 3.28
CA GLN A 83 -7.96 -11.29 2.56
C GLN A 83 -8.38 -12.77 2.66
N ARG A 84 -9.17 -13.14 3.65
CA ARG A 84 -9.65 -14.55 3.75
C ARG A 84 -10.60 -14.88 2.60
N MET A 85 -11.13 -13.92 1.86
CA MET A 85 -11.88 -14.22 0.63
C MET A 85 -10.96 -14.82 -0.44
N ALA A 86 -9.65 -14.53 -0.41
CA ALA A 86 -8.71 -14.99 -1.44
C ALA A 86 -8.10 -16.33 -1.06
N HIS A 87 -7.87 -16.52 0.22
CA HIS A 87 -7.20 -17.75 0.74
C HIS A 87 -7.63 -17.92 2.19
N VAL A 88 -7.83 -19.17 2.61
N VAL A 88 -7.84 -19.17 2.62
N VAL A 88 -7.83 -19.17 2.61
N VAL A 88 -7.84 -19.17 2.62
CA VAL A 88 -8.33 -19.52 3.97
CA VAL A 88 -8.34 -19.50 3.98
CA VAL A 88 -8.33 -19.52 3.97
CA VAL A 88 -8.34 -19.50 3.98
C VAL A 88 -7.47 -18.85 5.05
C VAL A 88 -7.47 -18.84 5.06
C VAL A 88 -7.47 -18.85 5.05
C VAL A 88 -7.47 -18.84 5.06
N ASP A 89 -6.15 -18.72 4.85
CA ASP A 89 -5.24 -18.16 5.87
C ASP A 89 -5.19 -16.61 5.85
N GLY A 90 -5.68 -16.01 4.77
CA GLY A 90 -5.85 -14.54 4.64
C GLY A 90 -4.67 -13.78 5.21
N GLU A 91 -4.91 -12.86 6.14
CA GLU A 91 -3.90 -11.93 6.68
C GLU A 91 -2.78 -12.66 7.42
N LEU A 92 -3.06 -13.88 7.92
CA LEU A 92 -2.01 -14.63 8.65
C LEU A 92 -0.98 -15.14 7.65
N ALA A 93 -1.41 -15.58 6.48
CA ALA A 93 -0.52 -15.94 5.36
C ALA A 93 0.33 -14.70 4.99
N THR A 94 -0.35 -13.55 4.84
CA THR A 94 0.39 -12.34 4.40
C THR A 94 1.46 -11.96 5.40
N VAL A 95 1.16 -11.94 6.69
CA VAL A 95 2.17 -11.45 7.67
C VAL A 95 3.36 -12.43 7.75
N ARG A 96 3.06 -13.72 7.61
CA ARG A 96 4.14 -14.73 7.63
C ARG A 96 5.10 -14.49 6.46
N ALA A 97 4.54 -14.18 5.29
CA ALA A 97 5.39 -13.90 4.10
C ALA A 97 6.22 -12.63 4.33
N CYS A 98 5.59 -11.62 4.91
CA CYS A 98 6.32 -10.37 5.21
C CYS A 98 7.48 -10.65 6.16
N GLN A 99 7.23 -11.48 7.18
CA GLN A 99 8.28 -11.85 8.15
C GLN A 99 9.41 -12.56 7.42
N SER A 100 9.09 -13.46 6.51
CA SER A 100 10.11 -14.21 5.72
C SER A 100 10.96 -13.21 4.93
N LEU A 101 10.29 -12.27 4.27
CA LEU A 101 10.95 -11.33 3.35
C LEU A 101 11.71 -10.27 4.11
N GLY A 102 11.36 -9.94 5.34
CA GLY A 102 11.97 -8.82 6.06
C GLY A 102 11.34 -7.48 5.68
N THR A 103 10.07 -7.49 5.29
CA THR A 103 9.39 -6.23 4.95
C THR A 103 8.17 -6.10 5.84
N GLY A 104 7.47 -4.98 5.71
CA GLY A 104 6.37 -4.64 6.59
C GLY A 104 5.03 -4.88 5.96
N MET A 105 4.08 -5.16 6.85
CA MET A 105 2.67 -5.34 6.49
C MET A 105 1.81 -4.29 7.12
N MET A 106 1.06 -3.58 6.30
CA MET A 106 0.00 -2.67 6.74
C MET A 106 -1.29 -3.46 6.82
N LEU A 107 -1.82 -3.62 8.03
CA LEU A 107 -3.05 -4.40 8.27
C LEU A 107 -4.28 -3.50 8.12
N SER A 108 -5.23 -3.99 7.32
CA SER A 108 -6.50 -3.27 7.11
C SER A 108 -7.35 -3.21 8.37
N SER A 109 -8.02 -2.08 8.56
CA SER A 109 -9.03 -2.00 9.64
C SER A 109 -10.16 -2.98 9.32
N TRP A 110 -10.32 -3.36 8.05
CA TRP A 110 -11.41 -4.26 7.60
C TRP A 110 -10.87 -5.66 7.32
N ALA A 111 -9.98 -6.10 8.18
CA ALA A 111 -9.33 -7.39 8.00
C ALA A 111 -10.25 -8.52 8.45
N THR A 112 -10.10 -9.69 7.85
CA THR A 112 -10.77 -10.96 8.24
C THR A 112 -9.94 -11.69 9.30
N SER A 113 -8.99 -11.01 9.96
CA SER A 113 -8.14 -11.49 11.07
C SER A 113 -7.94 -10.34 12.06
N SER A 114 -7.93 -10.62 13.35
CA SER A 114 -7.83 -9.57 14.40
C SER A 114 -6.40 -9.03 14.48
N ILE A 115 -6.26 -7.84 15.06
CA ILE A 115 -4.94 -7.20 15.30
C ILE A 115 -4.09 -8.20 16.12
N GLU A 116 -4.66 -8.79 17.14
CA GLU A 116 -3.89 -9.78 17.96
C GLU A 116 -3.53 -11.02 17.14
N GLU A 117 -4.45 -11.58 16.36
CA GLU A 117 -4.23 -12.80 15.53
C GLU A 117 -3.02 -12.52 14.63
N VAL A 118 -3.03 -11.37 13.96
CA VAL A 118 -1.91 -11.10 13.03
C VAL A 118 -0.57 -10.94 13.77
N ALA A 119 -0.54 -10.31 14.94
CA ALA A 119 0.69 -10.13 15.74
C ALA A 119 1.17 -11.53 16.20
N GLU A 120 0.23 -12.40 16.52
CA GLU A 120 0.55 -13.79 16.99
C GLU A 120 1.14 -14.58 15.82
N ALA A 121 0.65 -14.42 14.57
CA ALA A 121 1.16 -15.16 13.39
C ALA A 121 2.51 -14.59 12.95
N GLY A 122 2.76 -13.29 13.14
CA GLY A 122 3.97 -12.60 12.65
C GLY A 122 4.61 -11.78 13.74
N PRO A 123 5.05 -12.40 14.87
CA PRO A 123 5.53 -11.61 15.99
C PRO A 123 6.80 -10.81 15.67
N GLU A 124 7.63 -11.34 14.79
CA GLU A 124 8.92 -10.68 14.43
C GLU A 124 8.75 -9.85 13.16
N ALA A 125 7.55 -9.83 12.60
CA ALA A 125 7.29 -9.05 11.39
C ALA A 125 7.04 -7.58 11.72
N LEU A 126 7.53 -6.69 10.87
CA LEU A 126 7.19 -5.25 10.96
C LEU A 126 5.72 -5.09 10.54
N ARG A 127 4.92 -4.51 11.42
CA ARG A 127 3.47 -4.47 11.20
C ARG A 127 3.03 -3.07 11.55
N TRP A 128 2.12 -2.54 10.74
CA TRP A 128 1.45 -1.24 10.95
C TRP A 128 -0.05 -1.46 10.83
N LEU A 129 -0.82 -0.58 11.43
CA LEU A 129 -2.29 -0.63 11.36
C LEU A 129 -2.79 0.49 10.49
N GLN A 130 -3.58 0.11 9.48
CA GLN A 130 -4.40 1.11 8.76
C GLN A 130 -5.71 1.31 9.50
N LEU A 131 -6.02 2.57 9.73
CA LEU A 131 -7.14 3.00 10.58
C LEU A 131 -8.09 3.83 9.73
N TYR A 132 -9.37 3.54 9.91
CA TYR A 132 -10.48 4.43 9.55
C TYR A 132 -10.97 5.06 10.83
N ILE A 133 -11.26 6.35 10.82
CA ILE A 133 -11.94 7.02 11.97
C ILE A 133 -13.43 6.71 11.85
N TYR A 134 -13.87 5.82 12.75
CA TYR A 134 -15.29 5.39 12.78
CA TYR A 134 -15.27 5.37 12.81
C TYR A 134 -16.09 6.43 13.53
N LYS A 135 -17.36 6.50 13.19
CA LYS A 135 -18.27 7.40 13.93
C LYS A 135 -18.11 7.07 15.43
N ASP A 136 -17.98 5.79 15.76
CA ASP A 136 -17.72 5.33 17.16
C ASP A 136 -16.23 5.55 17.47
N ARG A 137 -15.91 6.63 18.12
CA ARG A 137 -14.54 7.00 18.52
C ARG A 137 -14.05 6.02 19.58
N GLU A 138 -14.92 5.29 20.26
CA GLU A 138 -14.44 4.36 21.31
C GLU A 138 -13.83 3.18 20.59
N VAL A 139 -14.51 2.70 19.54
CA VAL A 139 -13.96 1.52 18.82
C VAL A 139 -12.69 1.99 18.11
N THR A 140 -12.68 3.21 17.56
CA THR A 140 -11.47 3.78 16.93
C THR A 140 -10.27 3.75 17.90
N LYS A 141 -10.44 4.32 19.10
CA LYS A 141 -9.42 4.33 20.15
C LYS A 141 -9.01 2.90 20.54
N LYS A 142 -9.92 1.95 20.57
CA LYS A 142 -9.66 0.53 20.98
C LYS A 142 -8.70 -0.06 19.94
N LEU A 143 -8.89 0.24 18.66
CA LEU A 143 -8.04 -0.30 17.57
C LEU A 143 -6.64 0.26 17.75
N VAL A 144 -6.50 1.56 18.00
CA VAL A 144 -5.18 2.21 18.22
C VAL A 144 -4.50 1.58 19.44
N ARG A 145 -5.21 1.49 20.55
CA ARG A 145 -4.61 0.91 21.78
C ARG A 145 -4.20 -0.52 21.52
N GLN A 146 -5.01 -1.34 20.81
CA GLN A 146 -4.65 -2.75 20.50
C GLN A 146 -3.36 -2.79 19.65
N ALA A 147 -3.27 -1.93 18.64
CA ALA A 147 -2.07 -1.85 17.78
C ALA A 147 -0.85 -1.58 18.67
N GLU A 148 -0.93 -0.61 19.59
CA GLU A 148 0.19 -0.25 20.50
C GLU A 148 0.55 -1.49 21.33
N LYS A 149 -0.46 -2.12 21.94
CA LYS A 149 -0.20 -3.26 22.90
C LYS A 149 0.44 -4.41 22.11
N MET A 150 0.07 -4.58 20.84
CA MET A 150 0.48 -5.76 20.05
C MET A 150 1.70 -5.46 19.16
N GLY A 151 2.42 -4.39 19.40
CA GLY A 151 3.75 -4.14 18.83
C GLY A 151 3.65 -3.71 17.36
N TYR A 152 2.54 -3.15 16.96
CA TYR A 152 2.48 -2.44 15.66
C TYR A 152 3.26 -1.14 15.80
N LYS A 153 3.90 -0.71 14.71
CA LYS A 153 4.88 0.38 14.75
C LYS A 153 4.44 1.71 14.16
N ALA A 154 3.27 1.77 13.57
CA ALA A 154 2.71 3.03 13.04
C ALA A 154 1.24 2.83 12.76
N ILE A 155 0.57 3.97 12.64
CA ILE A 155 -0.85 4.08 12.26
C ILE A 155 -0.84 4.74 10.89
N PHE A 156 -1.51 4.12 9.91
CA PHE A 156 -1.78 4.77 8.61
C PHE A 156 -3.26 5.14 8.63
N VAL A 157 -3.50 6.42 8.78
CA VAL A 157 -4.92 6.88 8.84
C VAL A 157 -5.37 7.18 7.41
N THR A 158 -6.40 6.51 6.99
CA THR A 158 -6.94 6.70 5.62
C THR A 158 -7.78 7.96 5.66
N VAL A 159 -7.49 8.92 4.79
CA VAL A 159 -8.17 10.25 4.81
C VAL A 159 -8.98 10.50 3.55
N ASP A 160 -9.10 9.54 2.64
CA ASP A 160 -9.76 9.80 1.34
C ASP A 160 -11.10 9.07 1.23
N THR A 161 -11.66 8.61 2.34
CA THR A 161 -12.84 7.72 2.34
C THR A 161 -13.89 8.25 3.32
N PRO A 162 -14.39 9.49 3.17
CA PRO A 162 -15.55 9.90 3.98
C PRO A 162 -16.78 9.07 3.66
N TYR A 163 -16.87 8.66 2.41
CA TYR A 163 -17.83 7.69 1.86
C TYR A 163 -17.05 6.71 0.99
N LEU A 164 -17.60 5.54 0.72
CA LEU A 164 -16.99 4.58 -0.20
C LEU A 164 -17.20 5.06 -1.64
N GLY A 165 -16.18 4.88 -2.48
CA GLY A 165 -16.32 5.06 -3.91
C GLY A 165 -17.35 4.11 -4.50
N ASN A 166 -17.79 4.46 -5.70
CA ASN A 166 -18.82 3.68 -6.41
C ASN A 166 -18.17 2.71 -7.39
N ARG A 167 -17.98 1.48 -6.96
N ARG A 167 -17.96 1.47 -6.96
N ARG A 167 -17.98 1.48 -6.96
CA ARG A 167 -17.36 0.45 -7.84
CA ARG A 167 -17.35 0.44 -7.85
CA ARG A 167 -17.38 0.44 -7.85
C ARG A 167 -18.50 -0.34 -8.51
C ARG A 167 -18.51 -0.31 -8.50
C ARG A 167 -18.50 -0.34 -8.51
N LEU A 168 -18.81 0.00 -9.76
CA LEU A 168 -19.96 -0.64 -10.45
C LEU A 168 -20.04 -2.17 -10.34
N ASP A 169 -18.93 -2.89 -10.49
CA ASP A 169 -19.09 -4.37 -10.51
C ASP A 169 -19.65 -4.81 -9.15
N ASP A 170 -19.29 -4.17 -8.02
CA ASP A 170 -19.77 -4.62 -6.69
C ASP A 170 -21.30 -4.44 -6.63
N VAL A 171 -21.80 -3.34 -7.21
CA VAL A 171 -23.25 -3.03 -7.28
C VAL A 171 -23.90 -4.11 -8.15
N ARG A 172 -23.36 -4.42 -9.32
CA ARG A 172 -23.93 -5.43 -10.25
C ARG A 172 -23.99 -6.75 -9.45
N ASN A 173 -22.90 -7.09 -8.77
CA ASN A 173 -22.77 -8.37 -8.01
C ASN A 173 -23.34 -8.24 -6.57
N ARG A 174 -23.91 -7.10 -6.19
CA ARG A 174 -24.40 -6.81 -4.79
C ARG A 174 -23.41 -7.38 -3.75
N PHE A 175 -22.19 -6.83 -3.71
CA PHE A 175 -21.03 -7.46 -3.04
C PHE A 175 -21.35 -7.66 -1.56
N LYS A 176 -20.96 -8.79 -0.99
CA LYS A 176 -21.00 -9.04 0.48
C LYS A 176 -19.88 -10.02 0.83
N LEU A 177 -19.54 -10.17 2.11
CA LEU A 177 -18.59 -11.23 2.56
C LEU A 177 -19.23 -12.60 2.38
N PRO A 178 -18.47 -13.63 1.96
CA PRO A 178 -18.98 -15.01 1.97
C PRO A 178 -19.53 -15.29 3.35
N PRO A 179 -20.50 -16.23 3.52
CA PRO A 179 -21.20 -16.37 4.80
C PRO A 179 -20.35 -16.79 6.02
N GLN A 180 -19.17 -17.40 5.82
CA GLN A 180 -18.34 -17.94 6.94
C GLN A 180 -17.35 -16.88 7.44
N LEU A 181 -17.33 -15.68 6.84
CA LEU A 181 -16.25 -14.68 7.11
C LEU A 181 -16.86 -13.45 7.79
N ARG A 182 -16.01 -12.72 8.52
CA ARG A 182 -16.39 -11.50 9.26
C ARG A 182 -15.17 -10.57 9.29
N MET A 183 -15.41 -9.26 9.33
CA MET A 183 -14.40 -8.27 9.73
C MET A 183 -14.16 -8.51 11.22
N LYS A 184 -13.07 -9.20 11.50
CA LYS A 184 -12.78 -9.87 12.79
C LYS A 184 -12.37 -8.86 13.87
N ASN A 185 -12.30 -7.55 13.61
CA ASN A 185 -11.84 -6.58 14.63
C ASN A 185 -13.03 -6.04 15.42
N LEU A 205 -20.70 -3.13 0.71
CA LEU A 205 -19.60 -2.46 1.46
C LEU A 205 -19.87 -0.97 1.47
N ALA A 206 -20.47 -0.45 0.39
CA ALA A 206 -20.79 1.00 0.36
C ALA A 206 -21.77 1.28 1.49
N ALA A 207 -22.82 0.45 1.64
CA ALA A 207 -23.82 0.53 2.72
C ALA A 207 -23.14 0.47 4.10
N TYR A 208 -22.20 -0.45 4.28
CA TYR A 208 -21.44 -0.60 5.55
C TYR A 208 -20.69 0.69 5.90
N VAL A 209 -19.89 1.20 4.97
CA VAL A 209 -19.17 2.49 5.18
C VAL A 209 -20.17 3.56 5.59
N ALA A 210 -21.29 3.68 4.87
CA ALA A 210 -22.25 4.78 5.12
C ALA A 210 -22.78 4.65 6.55
N LYS A 211 -22.94 3.41 7.02
CA LYS A 211 -23.35 3.14 8.43
C LYS A 211 -22.23 3.35 9.45
N ALA A 212 -20.93 3.17 9.14
CA ALA A 212 -19.84 3.03 10.15
C ALA A 212 -18.73 4.09 10.06
N ILE A 213 -18.31 4.47 8.86
CA ILE A 213 -17.23 5.46 8.61
C ILE A 213 -17.78 6.90 8.69
N ASP A 214 -17.06 7.74 9.39
CA ASP A 214 -17.52 9.11 9.69
C ASP A 214 -17.22 10.05 8.53
N PRO A 215 -18.24 10.56 7.82
CA PRO A 215 -17.97 11.51 6.74
C PRO A 215 -17.66 12.92 7.21
N SER A 216 -17.80 13.18 8.53
CA SER A 216 -17.51 14.48 9.14
C SER A 216 -16.03 14.70 9.47
N ILE A 217 -15.17 13.73 9.25
CA ILE A 217 -13.84 13.97 9.88
C ILE A 217 -13.12 15.13 9.19
N SER A 218 -12.39 15.85 10.00
CA SER A 218 -11.70 17.09 9.61
C SER A 218 -10.30 17.02 10.20
N TRP A 219 -9.55 18.04 9.97
CA TRP A 219 -8.21 18.16 10.57
C TRP A 219 -8.35 18.16 12.10
N GLU A 220 -9.51 18.55 12.65
CA GLU A 220 -9.66 18.50 14.13
C GLU A 220 -9.57 17.05 14.63
N ASP A 221 -10.05 16.09 13.85
CA ASP A 221 -9.99 14.64 14.18
C ASP A 221 -8.53 14.16 14.08
N ILE A 222 -7.77 14.72 13.15
CA ILE A 222 -6.32 14.39 13.03
C ILE A 222 -5.63 14.91 14.30
N LYS A 223 -5.97 16.12 14.79
CA LYS A 223 -5.41 16.61 16.08
C LYS A 223 -5.73 15.62 17.18
N TRP A 224 -6.96 15.10 17.24
CA TRP A 224 -7.37 14.09 18.25
C TRP A 224 -6.48 12.86 18.14
N LEU A 225 -6.28 12.37 16.92
CA LEU A 225 -5.54 11.11 16.73
C LEU A 225 -4.08 11.34 17.12
N ARG A 226 -3.53 12.50 16.80
CA ARG A 226 -2.12 12.88 17.09
C ARG A 226 -1.96 12.89 18.63
N ARG A 227 -2.98 13.25 19.34
CA ARG A 227 -2.97 13.34 20.84
C ARG A 227 -3.14 11.93 21.44
N LEU A 228 -3.87 11.06 20.76
CA LEU A 228 -4.25 9.72 21.24
C LEU A 228 -3.04 8.80 21.31
N THR A 229 -2.13 8.84 20.33
CA THR A 229 -1.00 7.88 20.26
C THR A 229 0.32 8.63 20.03
N SER A 230 1.39 8.15 20.63
CA SER A 230 2.78 8.55 20.31
C SER A 230 3.33 7.74 19.12
N LEU A 231 2.62 6.71 18.62
CA LEU A 231 3.08 5.95 17.42
C LEU A 231 3.19 6.97 16.28
N PRO A 232 4.11 6.71 15.33
CA PRO A 232 4.13 7.49 14.10
C PRO A 232 2.76 7.35 13.41
N ILE A 233 2.32 8.45 12.79
CA ILE A 233 1.05 8.49 12.03
C ILE A 233 1.37 8.94 10.62
N VAL A 234 0.88 8.15 9.64
CA VAL A 234 1.01 8.49 8.22
C VAL A 234 -0.40 8.81 7.70
N ALA A 235 -0.51 9.92 7.01
CA ALA A 235 -1.79 10.25 6.32
C ALA A 235 -1.79 9.51 4.98
N LYS A 236 -2.76 8.64 4.81
CA LYS A 236 -2.88 7.83 3.58
C LYS A 236 -4.02 8.35 2.72
N GLY A 237 -3.71 8.71 1.48
CA GLY A 237 -4.71 9.18 0.51
C GLY A 237 -4.59 10.63 0.17
N ILE A 238 -3.54 11.30 0.55
CA ILE A 238 -3.28 12.68 0.13
C ILE A 238 -2.86 12.76 -1.33
N LEU A 239 -3.42 13.71 -2.06
CA LEU A 239 -3.14 13.93 -3.49
C LEU A 239 -2.76 15.38 -3.80
N ARG A 240 -2.80 16.26 -2.80
CA ARG A 240 -2.51 17.70 -3.00
C ARG A 240 -1.37 18.15 -2.07
N GLY A 241 -0.54 19.02 -2.59
CA GLY A 241 0.57 19.53 -1.77
C GLY A 241 0.08 20.37 -0.59
N ASP A 242 -1.00 21.11 -0.81
CA ASP A 242 -1.51 21.92 0.33
C ASP A 242 -1.94 21.00 1.47
N ASP A 243 -2.63 19.88 1.16
CA ASP A 243 -3.04 18.90 2.20
C ASP A 243 -1.79 18.26 2.83
N ALA A 244 -0.77 17.94 2.04
CA ALA A 244 0.46 17.37 2.59
C ALA A 244 1.11 18.36 3.59
N ARG A 245 1.07 19.63 3.26
CA ARG A 245 1.69 20.61 4.18
C ARG A 245 0.83 20.68 5.43
N GLU A 246 -0.48 20.58 5.31
CA GLU A 246 -1.34 20.56 6.52
C GLU A 246 -1.05 19.34 7.37
N ALA A 247 -0.80 18.17 6.77
CA ALA A 247 -0.48 16.97 7.55
C ALA A 247 0.82 17.19 8.34
N VAL A 248 1.79 17.81 7.73
CA VAL A 248 3.07 18.14 8.40
C VAL A 248 2.78 19.09 9.58
N LYS A 249 1.96 20.09 9.34
CA LYS A 249 1.62 21.09 10.40
C LYS A 249 0.95 20.41 11.60
N HIS A 250 0.17 19.36 11.41
CA HIS A 250 -0.58 18.61 12.44
C HIS A 250 0.30 17.58 13.14
N GLY A 251 1.58 17.53 12.80
CA GLY A 251 2.55 16.69 13.52
C GLY A 251 2.53 15.26 13.03
N LEU A 252 1.99 15.00 11.83
CA LEU A 252 2.07 13.63 11.33
C LEU A 252 3.49 13.34 10.81
N ASN A 253 3.78 12.06 10.63
CA ASN A 253 5.17 11.59 10.46
C ASN A 253 5.38 11.04 9.04
N GLY A 254 4.38 11.11 8.19
CA GLY A 254 4.57 10.69 6.80
C GLY A 254 3.35 10.88 6.00
N ILE A 255 3.48 10.79 4.68
N ILE A 255 3.52 10.90 4.67
N ILE A 255 3.48 10.79 4.68
N ILE A 255 3.52 10.90 4.67
CA ILE A 255 2.32 10.90 3.78
CA ILE A 255 2.45 10.99 3.65
CA ILE A 255 2.32 10.90 3.78
CA ILE A 255 2.45 10.99 3.65
C ILE A 255 2.43 9.76 2.78
C ILE A 255 2.48 9.69 2.85
C ILE A 255 2.43 9.76 2.78
C ILE A 255 2.48 9.69 2.85
N LEU A 256 1.36 8.98 2.73
CA LEU A 256 1.23 7.91 1.71
C LEU A 256 0.39 8.51 0.58
N VAL A 257 1.07 8.86 -0.50
CA VAL A 257 0.46 9.36 -1.74
C VAL A 257 -0.29 8.20 -2.34
N SER A 258 -1.61 8.31 -2.40
CA SER A 258 -2.49 7.18 -2.66
C SER A 258 -3.77 7.74 -3.22
N ASN A 259 -4.33 7.09 -4.21
CA ASN A 259 -5.70 7.33 -4.69
C ASN A 259 -6.54 6.12 -4.33
N HIS A 260 -6.13 5.38 -3.30
CA HIS A 260 -6.91 4.23 -2.75
C HIS A 260 -7.04 3.12 -3.80
N GLY A 261 -6.01 2.89 -4.60
CA GLY A 261 -6.00 1.91 -5.67
C GLY A 261 -7.07 2.26 -6.70
N ALA A 262 -7.34 3.55 -6.88
CA ALA A 262 -8.26 4.11 -7.90
C ALA A 262 -9.70 3.71 -7.56
N ARG A 263 -10.02 3.50 -6.28
CA ARG A 263 -11.35 2.95 -5.92
C ARG A 263 -12.24 4.00 -5.26
N GLN A 264 -11.76 5.23 -5.15
CA GLN A 264 -12.54 6.29 -4.46
C GLN A 264 -13.03 7.31 -5.49
N LEU A 265 -12.33 8.44 -5.65
CA LEU A 265 -12.74 9.41 -6.69
C LEU A 265 -12.07 9.07 -8.00
N ASP A 266 -12.87 8.72 -9.01
CA ASP A 266 -12.26 8.45 -10.32
C ASP A 266 -11.96 9.76 -11.04
N GLY A 267 -10.89 9.74 -11.81
CA GLY A 267 -10.41 10.91 -12.53
C GLY A 267 -9.41 11.73 -11.77
N VAL A 268 -8.98 11.30 -10.62
CA VAL A 268 -7.76 11.88 -10.01
C VAL A 268 -6.56 11.40 -10.79
N PRO A 269 -5.43 12.11 -10.67
CA PRO A 269 -4.23 11.65 -11.33
C PRO A 269 -3.68 10.34 -10.76
N ALA A 270 -2.81 9.75 -11.55
CA ALA A 270 -1.99 8.63 -11.10
C ALA A 270 -1.14 9.08 -9.93
N THR A 271 -0.87 8.19 -8.99
CA THR A 271 -0.04 8.57 -7.83
C THR A 271 1.38 8.91 -8.25
N ILE A 272 1.97 8.24 -9.24
CA ILE A 272 3.36 8.55 -9.63
C ILE A 272 3.39 9.97 -10.21
N ASP A 273 2.31 10.45 -10.79
CA ASP A 273 2.30 11.81 -11.37
C ASP A 273 2.17 12.87 -10.27
N VAL A 274 1.47 12.60 -9.19
CA VAL A 274 1.34 13.63 -8.12
C VAL A 274 2.48 13.50 -7.14
N LEU A 275 3.22 12.40 -7.11
CA LEU A 275 4.30 12.21 -6.11
C LEU A 275 5.27 13.39 -6.14
N PRO A 276 5.78 13.91 -7.28
CA PRO A 276 6.79 14.99 -7.17
C PRO A 276 6.24 16.24 -6.48
N GLU A 277 4.98 16.60 -6.69
CA GLU A 277 4.39 17.81 -6.06
C GLU A 277 4.43 17.60 -4.55
N ILE A 278 4.05 16.43 -4.07
CA ILE A 278 3.97 16.14 -2.63
C ILE A 278 5.36 16.11 -2.02
N VAL A 279 6.31 15.48 -2.68
CA VAL A 279 7.72 15.50 -2.17
C VAL A 279 8.21 16.94 -2.07
N GLU A 280 7.93 17.75 -3.07
CA GLU A 280 8.35 19.19 -3.02
C GLU A 280 7.66 19.87 -1.85
N ALA A 281 6.37 19.62 -1.68
CA ALA A 281 5.57 20.38 -0.69
C ALA A 281 6.01 20.09 0.73
N VAL A 282 6.48 18.89 1.03
CA VAL A 282 6.81 18.58 2.45
C VAL A 282 8.25 18.97 2.83
N GLU A 283 9.08 19.33 1.84
N GLU A 283 9.10 19.38 1.88
N GLU A 283 9.08 19.33 1.84
N GLU A 283 9.10 19.38 1.88
CA GLU A 283 10.44 19.92 1.99
CA GLU A 283 10.40 19.99 2.24
CA GLU A 283 10.44 19.92 1.99
CA GLU A 283 10.40 19.99 2.24
C GLU A 283 11.30 19.05 2.91
C GLU A 283 11.19 19.03 3.13
C GLU A 283 11.30 19.05 2.91
C GLU A 283 11.19 19.03 3.13
N GLY A 284 11.12 17.72 2.83
CA GLY A 284 11.90 16.74 3.59
C GLY A 284 11.51 16.63 5.04
N LYS A 285 10.37 17.19 5.44
CA LYS A 285 10.03 17.17 6.88
C LYS A 285 9.50 15.81 7.32
N VAL A 286 8.90 15.04 6.41
CA VAL A 286 8.37 13.70 6.69
C VAL A 286 8.66 12.82 5.47
N GLU A 287 8.73 11.52 5.69
CA GLU A 287 8.82 10.53 4.61
C GLU A 287 7.54 10.58 3.79
N VAL A 288 7.74 10.39 2.50
CA VAL A 288 6.66 10.25 1.51
C VAL A 288 6.71 8.87 0.89
N PHE A 289 5.58 8.19 0.87
CA PHE A 289 5.41 6.84 0.30
C PHE A 289 4.44 6.92 -0.86
N LEU A 290 4.40 5.86 -1.65
CA LEU A 290 3.46 5.78 -2.79
C LEU A 290 2.80 4.41 -2.84
N ASP A 291 1.54 4.37 -3.22
CA ASP A 291 0.93 3.13 -3.69
C ASP A 291 0.10 3.48 -4.90
N GLY A 292 -0.37 2.44 -5.61
CA GLY A 292 -1.22 2.60 -6.76
C GLY A 292 -0.48 2.23 -8.02
N GLY A 293 -0.73 1.05 -8.56
CA GLY A 293 -0.18 0.65 -9.85
C GLY A 293 1.22 0.06 -9.81
N VAL A 294 1.78 -0.21 -8.65
CA VAL A 294 3.13 -0.83 -8.59
C VAL A 294 2.99 -2.31 -8.95
N ARG A 295 3.63 -2.70 -10.04
CA ARG A 295 3.56 -4.09 -10.55
C ARG A 295 4.93 -4.62 -10.88
N LYS A 296 5.92 -3.77 -11.02
CA LYS A 296 7.24 -4.12 -11.60
C LYS A 296 8.35 -3.48 -10.79
N GLY A 297 9.54 -4.08 -10.82
CA GLY A 297 10.69 -3.44 -10.17
C GLY A 297 10.95 -2.05 -10.73
N THR A 298 10.77 -1.78 -12.02
CA THR A 298 11.03 -0.42 -12.54
C THR A 298 10.04 0.57 -11.94
N ASP A 299 8.85 0.15 -11.55
CA ASP A 299 7.90 1.07 -10.90
C ASP A 299 8.45 1.53 -9.57
N VAL A 300 8.98 0.60 -8.82
CA VAL A 300 9.62 0.92 -7.54
C VAL A 300 10.76 1.90 -7.76
N LEU A 301 11.64 1.63 -8.73
CA LEU A 301 12.78 2.51 -9.01
C LEU A 301 12.30 3.90 -9.37
N LYS A 302 11.28 4.03 -10.20
CA LYS A 302 10.77 5.37 -10.60
C LYS A 302 10.25 6.11 -9.40
N ALA A 303 9.52 5.46 -8.52
CA ALA A 303 8.93 6.10 -7.33
C ALA A 303 10.06 6.59 -6.42
N LEU A 304 11.11 5.78 -6.23
CA LEU A 304 12.23 6.21 -5.35
C LEU A 304 12.99 7.35 -6.05
N ALA A 305 13.14 7.32 -7.36
CA ALA A 305 13.89 8.42 -8.04
C ALA A 305 13.15 9.73 -7.86
N LEU A 306 11.82 9.68 -7.76
CA LEU A 306 11.01 10.89 -7.62
C LEU A 306 10.82 11.20 -6.15
N GLY A 307 11.48 10.49 -5.23
CA GLY A 307 11.55 10.95 -3.84
C GLY A 307 10.74 10.16 -2.84
N ALA A 308 10.01 9.11 -3.25
CA ALA A 308 9.35 8.23 -2.27
C ALA A 308 10.39 7.45 -1.50
N LYS A 309 10.18 7.22 -0.22
CA LYS A 309 11.08 6.36 0.57
C LYS A 309 10.82 4.89 0.28
N ALA A 310 9.56 4.52 0.03
CA ALA A 310 9.14 3.14 -0.18
C ALA A 310 7.80 3.17 -0.85
N VAL A 311 7.46 2.04 -1.44
CA VAL A 311 6.13 1.87 -2.05
C VAL A 311 5.39 0.75 -1.38
N PHE A 312 4.08 0.80 -1.49
CA PHE A 312 3.17 -0.25 -1.01
C PHE A 312 2.46 -0.89 -2.17
N VAL A 313 2.24 -2.19 -2.05
CA VAL A 313 1.51 -2.94 -3.08
C VAL A 313 0.22 -3.44 -2.47
N GLY A 314 -0.86 -3.31 -3.23
CA GLY A 314 -2.18 -3.74 -2.80
C GLY A 314 -2.57 -5.01 -3.50
N ARG A 315 -3.12 -4.92 -4.67
CA ARG A 315 -3.69 -6.07 -5.41
C ARG A 315 -2.70 -7.20 -5.58
N PRO A 316 -1.44 -6.97 -5.93
CA PRO A 316 -0.53 -8.10 -6.19
C PRO A 316 -0.49 -9.08 -5.02
N ILE A 317 -0.60 -8.59 -3.77
CA ILE A 317 -0.57 -9.46 -2.58
C ILE A 317 -1.80 -10.37 -2.60
N VAL A 318 -2.95 -9.83 -2.92
CA VAL A 318 -4.19 -10.63 -2.99
C VAL A 318 -4.02 -11.68 -4.08
N TRP A 319 -3.42 -11.38 -5.22
CA TRP A 319 -3.22 -12.40 -6.26
C TRP A 319 -2.27 -13.47 -5.73
N GLY A 320 -1.25 -13.09 -4.97
CA GLY A 320 -0.34 -14.08 -4.33
C GLY A 320 -1.16 -15.00 -3.43
N LEU A 321 -2.00 -14.45 -2.58
CA LEU A 321 -2.83 -15.32 -1.71
C LEU A 321 -3.69 -16.26 -2.54
N ALA A 322 -4.35 -15.77 -3.58
CA ALA A 322 -5.28 -16.56 -4.40
C ALA A 322 -4.52 -17.72 -5.01
N PHE A 323 -3.26 -17.51 -5.34
CA PHE A 323 -2.43 -18.61 -5.90
C PHE A 323 -2.06 -19.65 -4.85
N GLN A 324 -1.47 -19.23 -3.74
CA GLN A 324 -0.98 -20.25 -2.78
C GLN A 324 -0.73 -19.68 -1.40
N GLY A 325 -1.65 -18.86 -0.95
CA GLY A 325 -1.53 -18.35 0.41
C GLY A 325 -0.18 -17.76 0.71
N GLU A 326 0.40 -18.15 1.84
CA GLU A 326 1.66 -17.58 2.30
C GLU A 326 2.73 -17.71 1.22
N LYS A 327 2.86 -18.89 0.61
CA LYS A 327 3.91 -19.12 -0.41
C LYS A 327 3.62 -18.21 -1.61
N GLY A 328 2.38 -18.00 -2.04
CA GLY A 328 2.04 -17.12 -3.18
C GLY A 328 2.39 -15.67 -2.83
N VAL A 329 2.13 -15.21 -1.63
CA VAL A 329 2.52 -13.83 -1.22
C VAL A 329 4.04 -13.73 -1.23
N GLN A 330 4.74 -14.73 -0.69
CA GLN A 330 6.20 -14.75 -0.67
C GLN A 330 6.69 -14.66 -2.12
N ASP A 331 6.10 -15.42 -3.03
CA ASP A 331 6.55 -15.45 -4.45
C ASP A 331 6.38 -14.05 -5.05
N VAL A 332 5.25 -13.41 -4.82
CA VAL A 332 5.00 -12.08 -5.43
C VAL A 332 6.03 -11.10 -4.86
N LEU A 333 6.30 -11.12 -3.58
CA LEU A 333 7.25 -10.18 -2.96
C LEU A 333 8.64 -10.50 -3.48
N GLU A 334 8.97 -11.78 -3.68
CA GLU A 334 10.32 -12.13 -4.19
C GLU A 334 10.45 -11.69 -5.64
N ILE A 335 9.40 -11.79 -6.44
CA ILE A 335 9.47 -11.34 -7.85
C ILE A 335 9.72 -9.83 -7.86
N LEU A 336 8.99 -9.08 -7.06
CA LEU A 336 9.16 -7.59 -6.99
C LEU A 336 10.58 -7.30 -6.52
N LYS A 337 11.06 -8.00 -5.50
CA LYS A 337 12.41 -7.79 -4.98
C LYS A 337 13.46 -7.99 -6.07
N GLU A 338 13.37 -9.10 -6.79
CA GLU A 338 14.34 -9.42 -7.83
C GLU A 338 14.22 -8.46 -8.99
N GLU A 339 13.01 -8.11 -9.41
CA GLU A 339 12.86 -7.12 -10.50
C GLU A 339 13.48 -5.80 -10.04
N PHE A 340 13.27 -5.46 -8.79
CA PHE A 340 13.81 -4.17 -8.29
C PHE A 340 15.33 -4.23 -8.26
N ARG A 341 15.90 -5.32 -7.76
N ARG A 341 15.88 -5.34 -7.75
N ARG A 341 15.90 -5.32 -7.76
N ARG A 341 15.88 -5.34 -7.75
CA ARG A 341 17.38 -5.44 -7.74
CA ARG A 341 17.36 -5.56 -7.74
CA ARG A 341 17.38 -5.44 -7.74
CA ARG A 341 17.36 -5.56 -7.74
C ARG A 341 17.88 -5.27 -9.18
C ARG A 341 17.91 -5.34 -9.16
C ARG A 341 17.88 -5.27 -9.18
C ARG A 341 17.91 -5.34 -9.16
N LEU A 342 17.30 -5.99 -10.14
CA LEU A 342 17.79 -5.93 -11.52
C LEU A 342 17.69 -4.48 -12.02
N ALA A 343 16.58 -3.82 -11.78
CA ALA A 343 16.38 -2.45 -12.27
C ALA A 343 17.40 -1.53 -11.64
N MET A 344 17.67 -1.71 -10.35
CA MET A 344 18.71 -0.90 -9.68
C MET A 344 20.05 -1.17 -10.36
N ALA A 345 20.41 -2.42 -10.56
CA ALA A 345 21.73 -2.80 -11.09
C ALA A 345 21.89 -2.24 -12.51
N LEU A 346 20.87 -2.41 -13.33
CA LEU A 346 20.98 -1.95 -14.76
C LEU A 346 21.00 -0.42 -14.84
N SER A 347 20.53 0.25 -13.79
N SER A 347 20.53 0.25 -13.79
N SER A 347 20.53 0.25 -13.79
N SER A 347 20.53 0.25 -13.79
CA SER A 347 20.51 1.74 -13.78
CA SER A 347 20.52 1.74 -13.78
CA SER A 347 20.51 1.74 -13.78
CA SER A 347 20.52 1.74 -13.78
C SER A 347 21.79 2.30 -13.14
C SER A 347 21.79 2.30 -13.15
C SER A 347 21.79 2.30 -13.14
C SER A 347 21.79 2.30 -13.15
N GLY A 348 22.61 1.43 -12.56
CA GLY A 348 23.89 1.87 -11.94
C GLY A 348 23.77 2.17 -10.47
N CYS A 349 22.75 1.64 -9.83
CA CYS A 349 22.49 1.94 -8.39
C CYS A 349 22.88 0.73 -7.52
N GLN A 350 23.88 0.92 -6.66
CA GLN A 350 24.36 -0.16 -5.77
C GLN A 350 23.50 -0.22 -4.49
N ASN A 351 22.80 0.86 -4.20
CA ASN A 351 21.96 0.95 -2.97
C ASN A 351 20.86 1.98 -3.19
N VAL A 352 19.90 2.06 -2.27
CA VAL A 352 18.76 2.98 -2.51
C VAL A 352 19.17 4.44 -2.30
N LYS A 353 20.27 4.67 -1.57
CA LYS A 353 20.66 6.05 -1.24
C LYS A 353 21.17 6.75 -2.50
N VAL A 354 21.60 6.01 -3.53
CA VAL A 354 22.12 6.67 -4.76
C VAL A 354 21.09 6.72 -5.87
N ILE A 355 19.83 6.35 -5.63
CA ILE A 355 18.74 6.48 -6.61
C ILE A 355 18.31 7.94 -6.64
N ASP A 356 18.64 8.65 -7.71
CA ASP A 356 18.47 10.11 -7.74
C ASP A 356 17.47 10.51 -8.82
N LYS A 357 17.06 11.78 -8.81
CA LYS A 357 16.03 12.35 -9.68
C LYS A 357 16.50 12.32 -11.13
N THR A 358 17.81 12.31 -11.43
CA THR A 358 18.28 12.31 -12.85
C THR A 358 18.03 10.96 -13.52
N LEU A 359 17.65 9.94 -12.75
CA LEU A 359 17.30 8.64 -13.38
C LEU A 359 15.99 8.70 -14.14
N VAL A 360 15.13 9.72 -13.92
CA VAL A 360 13.83 9.70 -14.59
C VAL A 360 13.52 11.02 -15.28
N ARG A 361 12.77 10.94 -16.37
CA ARG A 361 12.18 12.13 -17.02
C ARG A 361 10.83 11.78 -17.61
N LYS A 362 9.85 12.67 -17.48
CA LYS A 362 8.49 12.32 -18.02
C LYS A 362 8.40 12.73 -19.49
#